data_4O5S
#
_entry.id   4O5S
#
_cell.length_a   43.04
_cell.length_b   46.15
_cell.length_c   76.91
_cell.angle_alpha   84.12
_cell.angle_beta   83.01
_cell.angle_gamma   66.18
#
_symmetry.space_group_name_H-M   'P 1'
#
loop_
_entity.id
_entity.type
_entity.pdbx_description
1 polymer Diisopropyl-fluorophosphatase
2 water water
#
_entity_poly.entity_id   1
_entity_poly.type   'polypeptide(L)'
_entity_poly.pdbx_seq_one_letter_code
;MEIPVIEPLFTKMTEDIPGATGPVFDKNGDFYVVASPLSEALTKANSPAEAYKASRGAGEILHIDLKTGKKTVICKPEVN
GYGGSPIGCQCDRDANQLFVADMRLGLLVVQTEGTFEEIAKKDSEGRCMQGCAYCAFDYEGNLWITAPAGGVAPADFTIS
LREKFGSIYCFTTDGQMIQVDTAFQCPAGIAVRHMNDGRPYQLIVAEQPTKKLWSYDIKGPANIENKKVWGHIPGTHKGG
AAGMVFDEDNNLLVANWGSSHIEVFGPDGGQPKMRIRCPFEKPANLHFKPQTKTIFVTEHDNNAVWKFEWQRNGKKQYCE
TSKFGIFGSLEHHHHHH
;
_entity_poly.pdbx_strand_id   A,B
#
# COMPACT_ATOMS: atom_id res chain seq x y z
N GLU A 2 -25.63 9.57 31.86
CA GLU A 2 -26.22 9.87 30.50
C GLU A 2 -25.17 9.59 29.43
N ILE A 3 -25.55 8.92 28.37
CA ILE A 3 -24.60 8.65 27.27
C ILE A 3 -24.61 9.82 26.27
N PRO A 4 -23.47 10.41 25.99
CA PRO A 4 -23.52 11.54 25.07
C PRO A 4 -23.89 11.08 23.65
N VAL A 5 -24.60 11.96 22.94
CA VAL A 5 -25.18 11.72 21.62
C VAL A 5 -24.68 12.77 20.64
N ILE A 6 -24.25 12.33 19.45
CA ILE A 6 -23.96 13.24 18.34
C ILE A 6 -24.97 13.05 17.22
N GLU A 7 -25.15 14.10 16.42
CA GLU A 7 -26.17 14.16 15.38
C GLU A 7 -25.51 14.63 14.11
N PRO A 8 -24.71 13.75 13.51
CA PRO A 8 -24.02 14.22 12.29
C PRO A 8 -24.99 14.33 11.12
N LEU A 9 -24.57 15.01 10.05
CA LEU A 9 -25.30 15.04 8.80
C LEU A 9 -25.28 13.66 8.09
N PHE A 10 -26.48 13.17 7.76
CA PHE A 10 -26.71 12.00 6.88
C PHE A 10 -27.18 12.44 5.49
N THR A 11 -26.56 11.87 4.47
CA THR A 11 -26.88 12.09 3.09
C THR A 11 -27.44 10.80 2.49
N LYS A 12 -28.63 10.90 1.90
CA LYS A 12 -29.30 9.77 1.29
C LYS A 12 -28.66 9.46 -0.07
N MET A 13 -28.29 8.21 -0.24
CA MET A 13 -27.68 7.71 -1.46
C MET A 13 -28.69 7.02 -2.41
N THR A 14 -29.59 6.20 -1.90
CA THR A 14 -30.58 5.47 -2.72
C THR A 14 -31.75 5.02 -1.88
N GLU A 15 -32.82 4.61 -2.53
CA GLU A 15 -34.06 4.20 -1.84
C GLU A 15 -34.68 2.99 -2.56
N ASP A 16 -35.86 2.58 -2.13
CA ASP A 16 -36.65 1.53 -2.76
C ASP A 16 -35.90 0.21 -2.76
N ILE A 17 -35.16 -0.04 -1.68
CA ILE A 17 -34.57 -1.32 -1.47
C ILE A 17 -35.20 -1.97 -0.25
N PRO A 18 -36.16 -2.89 -0.44
CA PRO A 18 -36.81 -3.57 0.68
C PRO A 18 -35.84 -4.29 1.58
N GLY A 19 -35.95 -4.03 2.88
CA GLY A 19 -35.13 -4.69 3.89
C GLY A 19 -33.63 -4.47 3.71
N ALA A 20 -33.24 -3.32 3.17
CA ALA A 20 -31.86 -2.96 2.82
C ALA A 20 -30.88 -3.38 3.87
N THR A 21 -29.89 -4.15 3.43
CA THR A 21 -28.88 -4.67 4.30
C THR A 21 -27.64 -5.02 3.49
N GLY A 22 -26.78 -5.80 4.11
CA GLY A 22 -25.48 -6.14 3.57
C GLY A 22 -24.68 -5.18 2.73
N PRO A 23 -24.51 -3.94 3.20
CA PRO A 23 -23.61 -2.96 2.55
C PRO A 23 -22.19 -3.49 2.59
N VAL A 24 -21.54 -3.48 1.43
CA VAL A 24 -20.20 -4.02 1.30
C VAL A 24 -19.46 -3.37 0.15
N PHE A 25 -18.15 -3.14 0.33
CA PHE A 25 -17.25 -2.72 -0.76
C PHE A 25 -16.34 -3.85 -1.19
N ASP A 26 -16.18 -4.06 -2.49
CA ASP A 26 -15.31 -5.11 -2.93
C ASP A 26 -13.88 -4.56 -3.11
N LYS A 27 -12.98 -5.38 -3.66
CA LYS A 27 -11.58 -4.97 -3.81
C LYS A 27 -11.36 -3.87 -4.82
N ASN A 28 -12.29 -3.69 -5.75
CA ASN A 28 -12.22 -2.57 -6.69
C ASN A 28 -12.87 -1.29 -6.20
N GLY A 29 -13.45 -1.33 -5.01
CA GLY A 29 -14.13 -0.18 -4.42
C GLY A 29 -15.58 -0.01 -4.89
N ASP A 30 -16.08 -1.01 -5.59
CA ASP A 30 -17.51 -1.07 -5.97
C ASP A 30 -18.38 -1.41 -4.74
N PHE A 31 -19.58 -0.83 -4.72
CA PHE A 31 -20.43 -0.85 -3.52
C PHE A 31 -21.63 -1.69 -3.86
N TYR A 32 -21.96 -2.61 -2.97
CA TYR A 32 -23.13 -3.51 -3.12
C TYR A 32 -24.03 -3.42 -1.93
N VAL A 33 -25.33 -3.65 -2.11
CA VAL A 33 -26.27 -3.72 -0.97
C VAL A 33 -27.19 -4.88 -1.25
N VAL A 34 -27.87 -5.35 -0.23
CA VAL A 34 -28.80 -6.47 -0.34
C VAL A 34 -30.20 -6.02 -0.12
N ALA A 35 -31.10 -6.42 -1.06
CA ALA A 35 -32.58 -6.34 -0.87
C ALA A 35 -33.13 -7.59 -0.21
N SER A 36 -33.94 -7.36 0.84
CA SER A 36 -34.50 -8.46 1.65
C SER A 36 -35.99 -8.33 1.89
N PRO A 37 -36.82 -8.85 0.95
CA PRO A 37 -38.26 -8.93 1.21
C PRO A 37 -38.63 -9.67 2.51
N LEU A 38 -37.89 -10.67 2.89
CA LEU A 38 -38.20 -11.41 4.12
C LEU A 38 -37.94 -10.55 5.35
N SER A 39 -36.88 -9.73 5.32
CA SER A 39 -36.59 -8.84 6.44
C SER A 39 -37.77 -7.92 6.57
N GLU A 40 -38.16 -7.29 5.48
CA GLU A 40 -39.24 -6.31 5.55
C GLU A 40 -40.52 -7.02 6.05
N ALA A 41 -40.80 -8.20 5.53
CA ALA A 41 -41.96 -8.98 5.99
C ALA A 41 -41.92 -9.31 7.49
N LEU A 42 -40.78 -9.74 8.02
CA LEU A 42 -40.68 -10.03 9.47
C LEU A 42 -40.99 -8.81 10.32
N THR A 43 -40.72 -7.63 9.77
CA THR A 43 -41.05 -6.37 10.41
C THR A 43 -42.57 -6.18 10.57
N LYS A 44 -43.38 -6.73 9.67
CA LYS A 44 -44.82 -6.46 9.71
C LYS A 44 -45.65 -7.64 10.17
N ALA A 45 -45.07 -8.84 10.24
CA ALA A 45 -45.81 -10.08 10.49
C ALA A 45 -46.03 -10.31 11.97
N ASN A 46 -47.02 -11.17 12.28
CA ASN A 46 -47.26 -11.66 13.64
C ASN A 46 -46.47 -12.92 13.96
N SER A 47 -45.67 -13.40 13.01
CA SER A 47 -44.89 -14.63 13.14
C SER A 47 -43.95 -14.81 11.95
N PRO A 48 -42.84 -15.55 12.14
CA PRO A 48 -41.91 -16.00 11.09
C PRO A 48 -42.58 -16.71 9.90
N ALA A 49 -43.56 -17.57 10.18
CA ALA A 49 -44.32 -18.26 9.13
C ALA A 49 -45.07 -17.27 8.30
N GLU A 50 -45.78 -16.38 9.00
CA GLU A 50 -46.60 -15.33 8.38
C GLU A 50 -45.70 -14.45 7.56
N ALA A 51 -44.55 -14.13 8.14
CA ALA A 51 -43.59 -13.31 7.44
C ALA A 51 -43.15 -14.06 6.18
N TYR A 52 -42.82 -15.35 6.31
CA TYR A 52 -42.31 -16.10 5.15
C TYR A 52 -43.30 -16.15 4.00
N LYS A 53 -44.59 -16.30 4.36
CA LYS A 53 -45.67 -16.34 3.40
C LYS A 53 -45.90 -15.03 2.64
N ALA A 54 -45.73 -13.90 3.31
CA ALA A 54 -45.95 -12.59 2.73
C ALA A 54 -44.78 -12.09 1.85
N SER A 55 -43.62 -12.67 2.08
CA SER A 55 -42.37 -12.24 1.40
C SER A 55 -42.56 -12.47 -0.07
N ARG A 56 -42.46 -11.38 -0.82
CA ARG A 56 -42.72 -11.35 -2.26
C ARG A 56 -41.86 -12.34 -3.07
N GLY A 57 -40.68 -12.66 -2.58
CA GLY A 57 -39.75 -13.39 -3.43
C GLY A 57 -38.36 -13.44 -2.89
N ALA A 58 -37.47 -13.99 -3.70
CA ALA A 58 -36.05 -14.05 -3.33
C ALA A 58 -35.49 -12.63 -3.14
N GLY A 59 -34.53 -12.52 -2.25
CA GLY A 59 -33.73 -11.33 -2.14
C GLY A 59 -32.72 -11.25 -3.25
N GLU A 60 -32.07 -10.10 -3.31
CA GLU A 60 -31.14 -9.78 -4.41
C GLU A 60 -29.96 -9.05 -3.80
N ILE A 61 -28.78 -9.33 -4.37
CA ILE A 61 -27.61 -8.45 -4.29
C ILE A 61 -27.57 -7.44 -5.45
N LEU A 62 -27.50 -6.17 -5.08
CA LEU A 62 -27.50 -5.08 -6.00
C LEU A 62 -26.16 -4.40 -5.94
N HIS A 63 -25.67 -4.00 -7.11
CA HIS A 63 -24.57 -3.06 -7.27
C HIS A 63 -25.15 -1.66 -7.30
N ILE A 64 -24.60 -0.74 -6.55
CA ILE A 64 -25.09 0.61 -6.56
C ILE A 64 -23.96 1.49 -7.07
N ASP A 65 -24.18 2.21 -8.14
CA ASP A 65 -23.18 3.16 -8.63
C ASP A 65 -23.19 4.37 -7.71
N LEU A 66 -22.07 4.76 -7.15
CA LEU A 66 -22.08 5.84 -6.15
C LEU A 66 -22.01 7.24 -6.74
N LYS A 67 -21.83 7.32 -8.05
CA LYS A 67 -21.88 8.62 -8.76
C LYS A 67 -23.27 8.81 -9.27
N THR A 68 -23.83 7.75 -9.84
CA THR A 68 -25.15 7.90 -10.53
C THR A 68 -26.36 7.41 -9.72
N GLY A 69 -26.14 6.56 -8.74
CA GLY A 69 -27.23 5.90 -8.02
C GLY A 69 -27.92 4.77 -8.77
N LYS A 70 -27.47 4.43 -9.97
CA LYS A 70 -28.08 3.31 -10.70
C LYS A 70 -27.88 2.00 -9.93
N LYS A 71 -28.97 1.24 -9.77
CA LYS A 71 -28.94 -0.05 -9.10
C LYS A 71 -28.88 -1.14 -10.17
N THR A 72 -28.01 -2.12 -9.99
CA THR A 72 -27.89 -3.25 -10.92
C THR A 72 -28.00 -4.51 -10.12
N VAL A 73 -28.92 -5.38 -10.51
CA VAL A 73 -29.05 -6.70 -9.90
C VAL A 73 -27.87 -7.54 -10.31
N ILE A 74 -27.11 -8.02 -9.34
CA ILE A 74 -25.93 -8.79 -9.56
C ILE A 74 -26.34 -10.25 -9.47
N CYS A 75 -27.09 -10.60 -8.43
CA CYS A 75 -27.53 -11.96 -8.21
C CYS A 75 -28.85 -12.02 -7.45
N LYS A 76 -29.75 -12.85 -7.97
CA LYS A 76 -31.04 -13.15 -7.33
C LYS A 76 -30.99 -14.63 -7.00
N PRO A 77 -30.45 -14.97 -5.84
CA PRO A 77 -30.19 -16.36 -5.65
C PRO A 77 -31.47 -17.18 -5.44
N GLU A 78 -31.55 -18.27 -6.18
CA GLU A 78 -32.50 -19.34 -5.92
C GLU A 78 -31.90 -20.67 -6.23
N VAL A 79 -32.28 -21.64 -5.40
CA VAL A 79 -31.91 -23.02 -5.63
C VAL A 79 -33.16 -23.88 -5.59
N ASN A 80 -33.49 -24.48 -6.75
CA ASN A 80 -34.52 -25.52 -6.80
C ASN A 80 -35.89 -24.99 -6.47
N GLY A 81 -36.15 -23.78 -6.99
CA GLY A 81 -37.40 -23.07 -6.79
C GLY A 81 -37.50 -22.25 -5.51
N TYR A 82 -36.56 -22.49 -4.59
CA TYR A 82 -36.52 -21.80 -3.28
C TYR A 82 -35.71 -20.52 -3.35
N GLY A 83 -36.36 -19.38 -3.12
CA GLY A 83 -35.67 -18.07 -3.17
C GLY A 83 -34.70 -17.89 -2.02
N GLY A 84 -33.54 -17.27 -2.27
CA GLY A 84 -32.59 -17.02 -1.21
C GLY A 84 -33.09 -15.82 -0.39
N SER A 85 -32.60 -15.71 0.82
CA SER A 85 -32.83 -14.50 1.63
C SER A 85 -31.46 -14.04 2.13
N PRO A 86 -30.64 -13.51 1.21
CA PRO A 86 -29.35 -12.98 1.71
C PRO A 86 -29.54 -11.83 2.68
N ILE A 87 -28.65 -11.70 3.64
CA ILE A 87 -28.62 -10.57 4.53
C ILE A 87 -27.21 -9.93 4.50
N GLY A 88 -26.25 -10.58 5.13
CA GLY A 88 -24.94 -9.95 5.37
C GLY A 88 -23.88 -10.37 4.37
N CYS A 89 -22.96 -9.49 4.01
CA CYS A 89 -21.89 -9.76 3.02
C CYS A 89 -20.51 -9.36 3.48
N GLN A 90 -19.56 -10.12 2.99
CA GLN A 90 -18.15 -9.76 3.16
C GLN A 90 -17.46 -10.11 1.83
N CYS A 91 -16.43 -9.36 1.49
CA CYS A 91 -15.66 -9.60 0.26
C CYS A 91 -14.42 -10.43 0.66
N ASP A 92 -14.10 -11.41 -0.17
CA ASP A 92 -12.90 -12.25 0.02
C ASP A 92 -11.63 -11.45 -0.25
N ARG A 93 -10.48 -11.99 0.18
CA ARG A 93 -9.26 -11.31 -0.05
C ARG A 93 -8.55 -11.77 -1.34
N ASP A 94 -8.43 -13.07 -1.54
CA ASP A 94 -7.69 -13.62 -2.72
C ASP A 94 -8.43 -13.71 -4.05
N ALA A 95 -9.72 -13.43 -4.03
CA ALA A 95 -10.52 -13.35 -5.23
C ALA A 95 -11.57 -12.32 -4.89
N ASN A 96 -11.92 -11.55 -5.89
CA ASN A 96 -12.99 -10.61 -5.77
C ASN A 96 -14.34 -11.32 -5.88
N GLN A 97 -14.77 -11.87 -4.77
CA GLN A 97 -16.04 -12.59 -4.73
C GLN A 97 -16.66 -12.34 -3.36
N LEU A 98 -17.98 -12.38 -3.28
CA LEU A 98 -18.63 -12.04 -2.05
C LEU A 98 -19.09 -13.31 -1.33
N PHE A 99 -18.89 -13.32 -0.02
CA PHE A 99 -19.43 -14.35 0.84
C PHE A 99 -20.66 -13.78 1.49
N VAL A 100 -21.79 -14.46 1.27
CA VAL A 100 -23.06 -13.95 1.59
C VAL A 100 -23.82 -14.92 2.51
N ALA A 101 -24.17 -14.44 3.70
CA ALA A 101 -25.02 -15.24 4.64
C ALA A 101 -26.49 -15.14 4.19
N ASP A 102 -27.18 -16.29 4.12
CA ASP A 102 -28.50 -16.30 3.51
C ASP A 102 -29.41 -17.11 4.45
N MET A 103 -30.57 -16.57 4.73
CA MET A 103 -31.39 -17.17 5.77
C MET A 103 -32.11 -18.41 5.28
N ARG A 104 -32.20 -18.56 3.95
CA ARG A 104 -32.82 -19.75 3.35
C ARG A 104 -31.81 -20.75 2.77
N LEU A 105 -30.61 -20.28 2.42
CA LEU A 105 -29.70 -21.13 1.68
C LEU A 105 -28.39 -21.39 2.36
N GLY A 106 -28.11 -20.68 3.45
CA GLY A 106 -26.93 -20.98 4.24
C GLY A 106 -25.81 -20.01 3.92
N LEU A 107 -24.63 -20.49 3.56
CA LEU A 107 -23.57 -19.58 3.12
C LEU A 107 -23.41 -19.66 1.59
N LEU A 108 -23.42 -18.51 0.90
CA LEU A 108 -23.16 -18.45 -0.55
C LEU A 108 -21.83 -17.79 -0.84
N VAL A 109 -21.26 -18.18 -1.97
CA VAL A 109 -20.20 -17.40 -2.58
C VAL A 109 -20.75 -16.90 -3.90
N VAL A 110 -20.73 -15.59 -4.07
CA VAL A 110 -21.36 -14.91 -5.17
C VAL A 110 -20.30 -14.17 -5.99
N GLN A 111 -20.29 -14.41 -7.31
CA GLN A 111 -19.40 -13.70 -8.21
C GLN A 111 -20.04 -12.44 -8.69
N THR A 112 -19.21 -11.51 -9.09
CA THR A 112 -19.75 -10.27 -9.60
C THR A 112 -20.54 -10.45 -10.91
N GLU A 113 -20.34 -11.55 -11.65
CA GLU A 113 -21.14 -11.77 -12.85
C GLU A 113 -22.45 -12.49 -12.53
N GLY A 114 -22.65 -12.81 -11.25
CA GLY A 114 -23.97 -13.27 -10.77
C GLY A 114 -24.12 -14.77 -10.56
N THR A 115 -23.11 -15.55 -10.95
CA THR A 115 -23.13 -16.98 -10.61
C THR A 115 -22.82 -17.07 -9.12
N PHE A 116 -23.25 -18.17 -8.50
CA PHE A 116 -23.01 -18.40 -7.09
C PHE A 116 -22.96 -19.88 -6.80
N GLU A 117 -22.33 -20.22 -5.68
CA GLU A 117 -22.25 -21.58 -5.15
C GLU A 117 -22.87 -21.55 -3.77
N GLU A 118 -23.69 -22.56 -3.44
CA GLU A 118 -24.14 -22.79 -2.07
C GLU A 118 -23.04 -23.61 -1.44
N ILE A 119 -22.55 -23.17 -0.30
CA ILE A 119 -21.31 -23.70 0.25
C ILE A 119 -21.46 -24.91 1.13
N ALA A 120 -22.54 -24.97 1.88
CA ALA A 120 -22.76 -26.10 2.76
C ALA A 120 -24.23 -26.48 2.89
N LYS A 121 -24.53 -27.71 2.46
CA LYS A 121 -25.79 -28.34 2.77
C LYS A 121 -25.81 -28.73 4.26
N LYS A 122 -24.66 -29.12 4.80
CA LYS A 122 -24.57 -29.56 6.20
C LYS A 122 -23.26 -29.10 6.84
N ASP A 123 -23.18 -29.20 8.16
CA ASP A 123 -21.99 -28.81 8.89
C ASP A 123 -21.06 -29.99 9.06
N SER A 124 -19.96 -29.77 9.75
CA SER A 124 -18.88 -30.76 9.79
C SER A 124 -19.24 -31.97 10.67
N GLU A 125 -20.03 -31.76 11.71
CA GLU A 125 -20.54 -32.89 12.49
C GLU A 125 -21.57 -33.65 11.69
N GLY A 126 -22.07 -33.04 10.60
CA GLY A 126 -23.01 -33.69 9.68
C GLY A 126 -24.47 -33.31 9.87
N ARG A 127 -24.76 -32.39 10.81
CA ARG A 127 -26.12 -31.93 11.02
C ARG A 127 -26.50 -30.96 9.89
N CYS A 128 -27.79 -30.85 9.63
CA CYS A 128 -28.30 -29.96 8.62
C CYS A 128 -27.80 -28.52 8.92
N MET A 129 -27.79 -27.70 7.88
CA MET A 129 -27.37 -26.30 8.02
C MET A 129 -28.57 -25.42 8.42
N GLN A 130 -28.32 -24.43 9.28
CA GLN A 130 -29.29 -23.36 9.51
C GLN A 130 -29.11 -22.09 8.64
N GLY A 131 -30.19 -21.34 8.44
CA GLY A 131 -30.20 -20.10 7.71
C GLY A 131 -29.29 -19.11 8.44
N CYS A 132 -28.48 -18.37 7.67
CA CYS A 132 -27.41 -17.54 8.17
C CYS A 132 -27.82 -16.10 7.91
N ALA A 133 -27.33 -15.19 8.74
CA ALA A 133 -27.72 -13.78 8.62
C ALA A 133 -26.49 -12.88 8.45
N TYR A 134 -25.56 -12.94 9.38
CA TYR A 134 -24.43 -11.97 9.39
C TYR A 134 -23.13 -12.73 9.36
N CYS A 135 -22.10 -12.15 8.77
CA CYS A 135 -20.79 -12.76 8.78
C CYS A 135 -19.67 -11.75 8.79
N ALA A 136 -18.54 -12.22 9.29
CA ALA A 136 -17.34 -11.41 9.42
C ALA A 136 -16.13 -12.30 9.21
N PHE A 137 -15.26 -11.90 8.26
CA PHE A 137 -13.94 -12.55 8.14
C PHE A 137 -12.98 -12.09 9.23
N ASP A 138 -12.26 -13.05 9.84
CA ASP A 138 -11.04 -12.70 10.53
C ASP A 138 -9.88 -12.53 9.55
N TYR A 139 -8.74 -12.06 10.07
CA TYR A 139 -7.64 -11.74 9.18
C TYR A 139 -6.90 -13.00 8.65
N GLU A 140 -7.26 -14.14 9.21
CA GLU A 140 -6.79 -15.43 8.75
C GLU A 140 -7.61 -15.94 7.58
N GLY A 141 -8.78 -15.35 7.35
CA GLY A 141 -9.58 -15.84 6.28
C GLY A 141 -10.68 -16.75 6.75
N ASN A 142 -10.86 -16.93 8.08
CA ASN A 142 -11.93 -17.79 8.56
C ASN A 142 -13.16 -16.92 8.68
N LEU A 143 -14.30 -17.43 8.25
CA LEU A 143 -15.55 -16.64 8.27
C LEU A 143 -16.47 -17.05 9.44
N TRP A 144 -16.69 -16.10 10.33
CA TRP A 144 -17.61 -16.31 11.45
C TRP A 144 -19.00 -15.87 11.08
N ILE A 145 -20.00 -16.67 11.41
CA ILE A 145 -21.30 -16.50 10.85
C ILE A 145 -22.38 -16.64 11.92
N THR A 146 -23.41 -15.79 11.88
CA THR A 146 -24.57 -16.03 12.72
C THR A 146 -25.67 -16.69 11.98
N ALA A 147 -26.38 -17.52 12.72
CA ALA A 147 -27.45 -18.30 12.13
C ALA A 147 -28.72 -18.30 12.98
N PRO A 148 -29.55 -17.26 12.82
CA PRO A 148 -30.76 -17.13 13.61
C PRO A 148 -31.95 -17.97 13.14
N ALA A 149 -31.86 -18.54 11.94
CA ALA A 149 -32.97 -19.25 11.37
C ALA A 149 -32.89 -20.74 11.73
N GLY A 150 -33.96 -21.46 11.43
CA GLY A 150 -33.93 -22.91 11.53
C GLY A 150 -33.16 -23.46 10.37
N GLY A 151 -33.45 -24.71 10.00
CA GLY A 151 -32.82 -25.31 8.83
C GLY A 151 -33.02 -24.51 7.55
N VAL A 152 -32.03 -24.60 6.68
CA VAL A 152 -32.15 -24.10 5.33
C VAL A 152 -33.27 -24.76 4.54
N ALA A 153 -33.69 -24.12 3.44
CA ALA A 153 -34.67 -24.76 2.55
C ALA A 153 -34.17 -26.16 2.26
N PRO A 154 -35.10 -27.13 2.13
CA PRO A 154 -36.57 -26.99 2.09
C PRO A 154 -37.35 -27.00 3.44
N ALA A 155 -36.68 -27.02 4.59
CA ALA A 155 -37.40 -26.81 5.86
C ALA A 155 -38.24 -25.54 5.83
N ASP A 156 -39.39 -25.56 6.53
CA ASP A 156 -40.20 -24.37 6.70
C ASP A 156 -39.33 -23.30 7.33
N PHE A 157 -39.59 -22.05 6.99
CA PHE A 157 -38.82 -20.95 7.54
C PHE A 157 -39.22 -20.66 8.99
N THR A 158 -38.22 -20.58 9.86
CA THR A 158 -38.41 -20.10 11.22
C THR A 158 -37.19 -19.30 11.66
N ILE A 159 -37.40 -18.45 12.64
CA ILE A 159 -36.32 -17.62 13.19
C ILE A 159 -36.43 -17.54 14.72
N SER A 160 -35.28 -17.55 15.38
CA SER A 160 -35.18 -17.54 16.82
C SER A 160 -35.45 -16.17 17.48
N LEU A 161 -36.44 -15.45 16.98
CA LEU A 161 -36.85 -14.16 17.53
C LEU A 161 -37.48 -14.32 18.91
N ARG A 162 -38.21 -15.42 19.11
CA ARG A 162 -38.82 -15.76 20.42
C ARG A 162 -38.28 -17.02 21.16
N GLU A 163 -37.60 -17.94 20.48
CA GLU A 163 -37.04 -19.17 21.12
C GLU A 163 -35.55 -19.30 20.93
N LYS A 164 -34.91 -20.08 21.76
CA LYS A 164 -33.46 -20.19 21.73
C LYS A 164 -33.05 -21.34 20.81
N PHE A 165 -32.78 -21.03 19.55
CA PHE A 165 -32.24 -22.07 18.67
C PHE A 165 -31.26 -21.55 17.63
N GLY A 166 -30.95 -20.26 17.72
CA GLY A 166 -29.97 -19.64 16.77
C GLY A 166 -28.56 -20.14 17.04
N SER A 167 -27.77 -20.33 15.99
CA SER A 167 -26.39 -20.86 16.16
C SER A 167 -25.30 -19.93 15.58
N ILE A 168 -24.06 -20.23 15.93
CA ILE A 168 -22.86 -19.53 15.43
C ILE A 168 -22.00 -20.57 14.71
N TYR A 169 -21.51 -20.23 13.52
CA TYR A 169 -20.55 -21.06 12.80
C TYR A 169 -19.27 -20.36 12.51
N CYS A 170 -18.25 -21.18 12.25
CA CYS A 170 -17.03 -20.77 11.63
C CYS A 170 -16.82 -21.63 10.38
N PHE A 171 -16.69 -20.95 9.26
CA PHE A 171 -16.31 -21.60 8.00
C PHE A 171 -14.83 -21.33 7.85
N THR A 172 -14.07 -22.42 7.98
CA THR A 172 -12.64 -22.29 8.07
C THR A 172 -11.92 -22.27 6.72
N THR A 173 -10.69 -21.84 6.74
CA THR A 173 -9.86 -21.81 5.53
C THR A 173 -9.62 -23.20 4.89
N ASP A 174 -9.92 -24.31 5.60
CA ASP A 174 -10.00 -25.68 5.03
C ASP A 174 -11.39 -26.07 4.57
N GLY A 175 -12.29 -25.11 4.47
CA GLY A 175 -13.60 -25.42 3.94
C GLY A 175 -14.50 -26.24 4.82
N GLN A 176 -14.21 -26.29 6.11
CA GLN A 176 -15.12 -26.94 7.08
C GLN A 176 -16.06 -25.92 7.71
N MET A 177 -17.37 -26.26 7.72
CA MET A 177 -18.40 -25.45 8.35
C MET A 177 -18.62 -26.02 9.77
N ILE A 178 -18.00 -25.40 10.76
CA ILE A 178 -18.07 -25.92 12.12
C ILE A 178 -19.06 -25.12 12.97
N GLN A 179 -20.05 -25.81 13.53
CA GLN A 179 -20.92 -25.17 14.51
C GLN A 179 -20.13 -24.94 15.76
N VAL A 180 -20.02 -23.68 16.19
CA VAL A 180 -19.26 -23.33 17.40
C VAL A 180 -20.11 -22.97 18.63
N ASP A 181 -21.34 -22.55 18.43
CA ASP A 181 -22.25 -22.36 19.59
C ASP A 181 -23.67 -22.39 19.09
N THR A 182 -24.65 -22.40 20.01
CA THR A 182 -26.07 -22.49 19.69
C THR A 182 -26.98 -22.07 20.88
N ALA A 183 -28.28 -22.11 20.68
CA ALA A 183 -29.32 -21.65 21.63
C ALA A 183 -29.24 -20.14 21.89
N PHE A 184 -29.01 -19.38 20.81
CA PHE A 184 -29.14 -17.94 20.86
C PHE A 184 -30.53 -17.59 20.50
N GLN A 185 -30.98 -16.46 21.07
CA GLN A 185 -32.21 -15.88 20.63
C GLN A 185 -31.87 -14.79 19.60
N CYS A 186 -31.78 -15.22 18.34
CA CYS A 186 -31.64 -14.32 17.19
C CYS A 186 -30.28 -13.62 17.20
N PRO A 187 -29.21 -14.42 17.07
CA PRO A 187 -27.92 -13.87 16.89
C PRO A 187 -27.89 -13.08 15.57
N ALA A 188 -27.28 -11.91 15.59
CA ALA A 188 -27.41 -10.95 14.46
C ALA A 188 -26.02 -10.52 14.07
N GLY A 189 -25.67 -9.24 14.17
CA GLY A 189 -24.34 -8.81 13.77
C GLY A 189 -23.23 -9.54 14.45
N ILE A 190 -22.09 -9.53 13.77
CA ILE A 190 -20.90 -10.25 14.23
C ILE A 190 -19.68 -9.51 13.76
N ALA A 191 -18.63 -9.56 14.59
CA ALA A 191 -17.35 -8.94 14.33
C ALA A 191 -16.22 -9.63 15.04
N VAL A 192 -15.02 -9.39 14.51
CA VAL A 192 -13.78 -9.97 15.07
C VAL A 192 -12.87 -8.81 15.41
N ARG A 193 -12.52 -8.76 16.68
CA ARG A 193 -11.55 -7.87 17.19
C ARG A 193 -10.19 -8.49 16.97
N HIS A 194 -9.27 -7.74 16.38
CA HIS A 194 -7.93 -8.27 16.13
C HIS A 194 -6.94 -7.56 16.98
N MET A 195 -5.90 -8.30 17.31
CA MET A 195 -4.70 -7.75 17.95
C MET A 195 -3.95 -6.85 16.99
N ASN A 196 -3.06 -6.06 17.58
CA ASN A 196 -2.18 -5.21 16.86
C ASN A 196 -1.47 -5.96 15.73
N ASP A 197 -1.11 -7.20 15.98
CA ASP A 197 -0.31 -7.97 15.02
C ASP A 197 -1.16 -8.65 13.95
N GLY A 198 -2.45 -8.35 13.90
CA GLY A 198 -3.34 -9.01 12.96
C GLY A 198 -3.94 -10.31 13.49
N ARG A 199 -3.55 -10.76 14.67
CA ARG A 199 -4.10 -11.99 15.20
C ARG A 199 -5.55 -11.82 15.71
N PRO A 200 -6.46 -12.71 15.28
CA PRO A 200 -7.83 -12.67 15.80
C PRO A 200 -7.91 -13.00 17.28
N TYR A 201 -8.67 -12.25 18.06
CA TYR A 201 -8.76 -12.65 19.48
C TYR A 201 -10.03 -12.47 20.25
N GLN A 202 -10.98 -11.70 19.75
CA GLN A 202 -12.29 -11.66 20.36
C GLN A 202 -13.33 -11.71 19.26
N LEU A 203 -14.36 -12.51 19.49
CA LEU A 203 -15.58 -12.58 18.70
C LEU A 203 -16.72 -11.87 19.40
N ILE A 204 -17.28 -10.86 18.75
CA ILE A 204 -18.43 -10.14 19.27
C ILE A 204 -19.64 -10.53 18.46
N VAL A 205 -20.71 -10.93 19.15
CA VAL A 205 -21.94 -11.37 18.58
C VAL A 205 -23.09 -10.65 19.23
N ALA A 206 -23.93 -10.02 18.41
CA ALA A 206 -25.18 -9.41 18.85
C ALA A 206 -26.25 -10.47 19.03
N GLU A 207 -26.97 -10.42 20.16
CA GLU A 207 -28.15 -11.24 20.35
C GLU A 207 -29.29 -10.25 20.32
N GLN A 208 -30.04 -10.19 19.25
CA GLN A 208 -30.82 -8.98 18.97
C GLN A 208 -31.96 -8.59 19.97
N PRO A 209 -33.02 -9.39 20.06
CA PRO A 209 -34.10 -9.03 20.99
C PRO A 209 -33.70 -8.97 22.47
N THR A 210 -32.61 -9.59 22.86
CA THR A 210 -32.19 -9.62 24.26
C THR A 210 -31.37 -8.39 24.69
N LYS A 211 -31.16 -7.49 23.73
CA LYS A 211 -30.44 -6.24 23.98
C LYS A 211 -29.07 -6.50 24.55
N LYS A 212 -28.43 -7.58 24.12
CA LYS A 212 -27.11 -7.90 24.56
C LYS A 212 -26.08 -8.11 23.42
N LEU A 213 -24.81 -7.85 23.72
CA LEU A 213 -23.67 -8.23 22.88
C LEU A 213 -22.87 -9.20 23.67
N TRP A 214 -22.59 -10.35 23.07
CA TRP A 214 -21.78 -11.39 23.69
C TRP A 214 -20.37 -11.35 23.19
N SER A 215 -19.40 -11.74 24.02
CA SER A 215 -18.06 -11.97 23.51
C SER A 215 -17.51 -13.35 23.83
N TYR A 216 -16.57 -13.76 22.99
CA TYR A 216 -15.77 -14.95 23.21
C TYR A 216 -14.34 -14.63 22.92
N ASP A 217 -13.45 -15.32 23.62
CA ASP A 217 -12.06 -15.26 23.26
C ASP A 217 -11.72 -16.27 22.15
N ILE A 218 -11.01 -15.80 21.11
CA ILE A 218 -10.68 -16.63 19.97
C ILE A 218 -9.30 -17.19 20.13
N LYS A 219 -9.18 -18.51 20.07
CA LYS A 219 -7.88 -19.16 20.27
C LYS A 219 -7.45 -19.88 19.00
N GLY A 220 -8.30 -19.86 17.99
CA GLY A 220 -7.94 -20.38 16.70
C GLY A 220 -9.18 -20.59 15.86
N PRO A 221 -8.96 -20.99 14.60
CA PRO A 221 -10.01 -21.36 13.71
C PRO A 221 -11.06 -22.22 14.40
N ALA A 222 -12.27 -21.70 14.49
CA ALA A 222 -13.43 -22.37 15.03
C ALA A 222 -13.22 -22.75 16.50
N ASN A 223 -12.40 -21.98 17.21
CA ASN A 223 -12.04 -22.30 18.58
C ASN A 223 -12.23 -21.11 19.51
N ILE A 224 -13.37 -21.12 20.16
CA ILE A 224 -13.78 -20.00 21.02
C ILE A 224 -14.16 -20.48 22.45
N GLU A 225 -13.99 -19.59 23.40
CA GLU A 225 -14.29 -19.91 24.80
C GLU A 225 -14.59 -18.67 25.58
N ASN A 226 -14.83 -18.83 26.89
CA ASN A 226 -15.00 -17.69 27.79
C ASN A 226 -16.18 -16.81 27.37
N LYS A 227 -17.27 -17.44 26.94
CA LYS A 227 -18.50 -16.76 26.52
C LYS A 227 -18.97 -15.87 27.68
N LYS A 228 -19.10 -14.57 27.45
CA LYS A 228 -19.53 -13.53 28.43
C LYS A 228 -20.46 -12.49 27.78
N VAL A 229 -21.32 -11.83 28.57
CA VAL A 229 -22.08 -10.69 28.06
C VAL A 229 -21.00 -9.62 28.04
N TRP A 230 -20.84 -8.94 26.91
CA TRP A 230 -19.76 -7.97 26.70
C TRP A 230 -20.28 -6.52 26.69
N GLY A 231 -21.52 -6.34 26.19
CA GLY A 231 -22.07 -4.99 26.01
C GLY A 231 -23.55 -4.95 26.18
N HIS A 232 -24.03 -3.85 26.71
CA HIS A 232 -25.43 -3.57 26.87
C HIS A 232 -25.95 -2.64 25.74
N ILE A 233 -27.03 -3.07 25.12
CA ILE A 233 -27.73 -2.30 24.12
C ILE A 233 -28.95 -1.55 24.73
N PRO A 234 -28.97 -0.23 24.71
CA PRO A 234 -30.11 0.47 25.35
C PRO A 234 -31.47 0.35 24.68
N GLY A 235 -32.55 0.54 25.45
CA GLY A 235 -33.88 0.74 24.89
C GLY A 235 -34.71 -0.50 25.07
N THR A 236 -36.04 -0.35 25.05
CA THR A 236 -36.93 -1.52 25.21
C THR A 236 -37.75 -1.80 23.98
N HIS A 237 -37.55 -0.99 22.93
CA HIS A 237 -38.16 -1.11 21.60
C HIS A 237 -38.04 -2.53 21.07
N LYS A 238 -38.98 -2.84 20.18
CA LYS A 238 -38.90 -3.98 19.27
C LYS A 238 -37.61 -3.80 18.45
N GLY A 239 -36.73 -4.78 18.53
CA GLY A 239 -35.44 -4.71 17.82
C GLY A 239 -34.29 -4.92 18.76
N GLY A 240 -33.21 -4.16 18.52
CA GLY A 240 -31.97 -4.41 19.19
C GLY A 240 -30.83 -4.39 18.19
N ALA A 241 -29.67 -4.87 18.60
CA ALA A 241 -28.50 -4.74 17.76
C ALA A 241 -28.66 -5.57 16.48
N ALA A 242 -28.39 -4.94 15.34
CA ALA A 242 -28.33 -5.63 14.07
C ALA A 242 -26.88 -5.71 13.58
N GLY A 243 -26.52 -5.02 12.50
CA GLY A 243 -25.12 -5.03 12.05
C GLY A 243 -24.19 -4.22 12.92
N MET A 244 -22.89 -4.45 12.74
CA MET A 244 -21.87 -3.76 13.50
C MET A 244 -20.58 -3.72 12.70
N VAL A 245 -19.75 -2.74 12.97
CA VAL A 245 -18.43 -2.62 12.33
C VAL A 245 -17.46 -1.94 13.24
N PHE A 246 -16.19 -2.30 13.14
CA PHE A 246 -15.13 -1.61 13.89
C PHE A 246 -14.57 -0.41 13.15
N ASP A 247 -14.13 0.61 13.91
CA ASP A 247 -13.27 1.69 13.41
C ASP A 247 -11.81 1.39 13.64
N GLU A 248 -10.96 2.29 13.19
CA GLU A 248 -9.48 1.99 13.22
C GLU A 248 -8.98 1.88 14.64
N ASP A 249 -9.69 2.49 15.58
CA ASP A 249 -9.31 2.43 17.00
C ASP A 249 -9.93 1.25 17.75
N ASN A 250 -10.58 0.35 17.00
CA ASN A 250 -11.33 -0.79 17.56
C ASN A 250 -12.52 -0.41 18.47
N ASN A 251 -13.10 0.77 18.24
CA ASN A 251 -14.44 1.07 18.71
C ASN A 251 -15.40 0.30 17.84
N LEU A 252 -16.46 -0.22 18.45
CA LEU A 252 -17.47 -1.02 17.78
C LEU A 252 -18.71 -0.15 17.58
N LEU A 253 -19.11 0.08 16.32
CA LEU A 253 -20.35 0.79 16.03
C LEU A 253 -21.43 -0.24 15.69
N VAL A 254 -22.60 -0.12 16.31
CA VAL A 254 -23.64 -1.11 16.27
C VAL A 254 -24.97 -0.44 15.91
N ALA A 255 -25.63 -0.93 14.85
CA ALA A 255 -26.93 -0.40 14.49
C ALA A 255 -27.92 -0.96 15.51
N ASN A 256 -28.67 -0.07 16.15
CA ASN A 256 -29.60 -0.50 17.19
C ASN A 256 -30.99 -0.33 16.61
N TRP A 257 -31.44 -1.37 15.91
CA TRP A 257 -32.63 -1.30 15.09
C TRP A 257 -33.82 -1.02 15.99
N GLY A 258 -34.60 -0.01 15.61
CA GLY A 258 -35.75 0.45 16.41
C GLY A 258 -35.50 1.58 17.39
N SER A 259 -34.23 1.82 17.76
CA SER A 259 -33.84 2.88 18.69
C SER A 259 -33.55 4.27 18.08
N SER A 260 -33.48 4.37 16.76
CA SER A 260 -32.94 5.56 16.03
C SER A 260 -31.49 5.91 16.27
N HIS A 261 -30.73 4.99 16.84
CA HIS A 261 -29.32 5.24 17.12
C HIS A 261 -28.43 4.14 16.63
N ILE A 262 -27.20 4.53 16.33
CA ILE A 262 -26.05 3.64 16.28
C ILE A 262 -25.30 3.86 17.59
N GLU A 263 -24.96 2.75 18.28
CA GLU A 263 -24.25 2.76 19.52
C GLU A 263 -22.76 2.63 19.29
N VAL A 264 -21.97 3.32 20.09
CA VAL A 264 -20.53 3.22 19.97
C VAL A 264 -19.91 2.68 21.25
N PHE A 265 -19.24 1.52 21.13
CA PHE A 265 -18.61 0.92 22.25
C PHE A 265 -17.12 1.09 22.10
N GLY A 266 -16.46 1.38 23.21
CA GLY A 266 -15.01 1.26 23.27
C GLY A 266 -14.59 -0.17 23.27
N PRO A 267 -13.30 -0.38 23.11
CA PRO A 267 -12.67 -1.70 23.11
C PRO A 267 -12.98 -2.64 24.27
N ASP A 268 -13.25 -2.12 25.47
CA ASP A 268 -13.56 -2.97 26.63
C ASP A 268 -15.05 -3.22 26.79
N GLY A 269 -15.86 -2.81 25.81
CA GLY A 269 -17.29 -2.94 25.94
C GLY A 269 -17.95 -2.20 27.11
N GLY A 270 -18.90 -2.88 27.72
CA GLY A 270 -19.72 -2.32 28.81
C GLY A 270 -20.95 -1.60 28.29
N GLN A 271 -21.07 -0.31 28.63
CA GLN A 271 -22.14 0.54 28.18
C GLN A 271 -21.63 1.30 26.94
N PRO A 272 -22.51 1.72 26.02
CA PRO A 272 -22.00 2.59 24.92
C PRO A 272 -21.27 3.81 25.49
N LYS A 273 -20.19 4.25 24.88
CA LYS A 273 -19.57 5.49 25.27
C LYS A 273 -20.16 6.73 24.59
N MET A 274 -20.86 6.52 23.48
CA MET A 274 -21.51 7.57 22.70
C MET A 274 -22.59 6.93 21.90
N ARG A 275 -23.59 7.69 21.47
CA ARG A 275 -24.61 7.21 20.53
C ARG A 275 -24.68 8.16 19.36
N ILE A 276 -25.02 7.64 18.17
CA ILE A 276 -25.14 8.45 17.01
C ILE A 276 -26.62 8.53 16.61
N ARG A 277 -27.26 9.69 16.74
CA ARG A 277 -28.66 9.80 16.37
C ARG A 277 -28.83 9.78 14.86
N CYS A 278 -29.70 8.89 14.37
CA CYS A 278 -30.01 8.74 12.95
C CYS A 278 -31.34 9.47 12.65
N PRO A 279 -31.53 9.89 11.40
CA PRO A 279 -32.85 10.47 11.03
C PRO A 279 -33.86 9.42 10.65
N PHE A 280 -33.76 8.27 11.27
CA PHE A 280 -34.66 7.16 11.03
C PHE A 280 -34.56 6.28 12.26
N GLU A 281 -35.59 5.48 12.48
CA GLU A 281 -35.75 4.68 13.68
C GLU A 281 -35.01 3.32 13.59
N LYS A 282 -34.82 2.84 12.34
CA LYS A 282 -34.41 1.47 12.08
C LYS A 282 -33.13 1.36 11.28
N PRO A 283 -32.02 1.84 11.85
CA PRO A 283 -30.75 1.47 11.21
C PRO A 283 -30.59 -0.04 11.26
N ALA A 284 -30.18 -0.66 10.14
CA ALA A 284 -30.01 -2.13 10.06
C ALA A 284 -28.55 -2.66 9.95
N ASN A 285 -27.77 -2.01 9.09
CA ASN A 285 -26.44 -2.47 8.84
C ASN A 285 -25.56 -1.30 8.38
N LEU A 286 -24.25 -1.46 8.53
CA LEU A 286 -23.37 -0.45 8.22
C LEU A 286 -21.99 -1.00 7.82
N HIS A 287 -21.30 -0.20 7.02
CA HIS A 287 -19.99 -0.55 6.48
C HIS A 287 -19.22 0.68 6.12
N PHE A 288 -17.91 0.68 6.36
CA PHE A 288 -17.10 1.84 5.96
C PHE A 288 -16.68 1.76 4.50
N LYS A 289 -16.60 2.94 3.88
CA LYS A 289 -15.90 3.09 2.62
C LYS A 289 -14.41 3.00 2.92
N PRO A 290 -13.71 2.11 2.23
CA PRO A 290 -12.28 1.82 2.57
C PRO A 290 -11.41 3.08 2.55
N GLN A 291 -10.49 3.17 3.50
CA GLN A 291 -9.56 4.31 3.66
C GLN A 291 -10.28 5.62 3.80
N THR A 292 -11.44 5.63 4.46
CA THR A 292 -12.21 6.85 4.65
C THR A 292 -12.88 6.76 6.02
N LYS A 293 -13.48 7.87 6.40
CA LYS A 293 -14.24 7.97 7.62
C LYS A 293 -15.72 7.82 7.30
N THR A 294 -16.03 7.43 6.07
CA THR A 294 -17.40 7.54 5.62
C THR A 294 -18.08 6.19 5.92
N ILE A 295 -19.21 6.23 6.60
CA ILE A 295 -19.98 5.05 6.93
C ILE A 295 -21.27 5.03 6.13
N PHE A 296 -21.49 3.90 5.46
CA PHE A 296 -22.69 3.67 4.74
C PHE A 296 -23.61 2.85 5.63
N VAL A 297 -24.86 3.30 5.73
CA VAL A 297 -25.87 2.72 6.59
C VAL A 297 -27.16 2.44 5.87
N THR A 298 -27.66 1.25 6.06
CA THR A 298 -28.93 0.84 5.55
C THR A 298 -30.01 0.93 6.60
N GLU A 299 -31.22 1.19 6.13
CA GLU A 299 -32.32 1.45 7.08
C GLU A 299 -33.66 1.07 6.55
N HIS A 300 -34.52 0.68 7.47
CA HIS A 300 -35.76 -0.01 7.12
C HIS A 300 -36.98 0.89 7.35
N ASP A 301 -36.80 2.17 7.68
CA ASP A 301 -37.93 3.14 7.67
C ASP A 301 -38.23 3.50 6.23
N ASN A 302 -37.18 3.80 5.47
CA ASN A 302 -37.33 4.24 4.12
C ASN A 302 -36.73 3.29 3.12
N ASN A 303 -36.24 2.12 3.61
CA ASN A 303 -35.65 1.13 2.71
C ASN A 303 -34.63 1.82 1.84
N ALA A 304 -33.67 2.46 2.53
CA ALA A 304 -32.75 3.36 1.93
C ALA A 304 -31.35 3.13 2.47
N VAL A 305 -30.42 3.75 1.78
CA VAL A 305 -29.01 3.72 2.13
C VAL A 305 -28.57 5.15 2.27
N TRP A 306 -27.90 5.46 3.38
CA TRP A 306 -27.31 6.76 3.60
C TRP A 306 -25.84 6.66 3.92
N LYS A 307 -25.18 7.80 3.91
CA LYS A 307 -23.83 7.95 4.42
C LYS A 307 -23.64 9.10 5.41
N PHE A 308 -22.70 8.91 6.34
CA PHE A 308 -22.35 9.98 7.31
C PHE A 308 -20.86 9.83 7.56
N GLU A 309 -20.23 10.92 8.02
CA GLU A 309 -18.82 10.91 8.38
C GLU A 309 -18.61 10.62 9.83
N TRP A 310 -17.72 9.65 10.09
CA TRP A 310 -17.42 9.24 11.44
C TRP A 310 -16.16 10.01 11.85
N GLN A 311 -15.81 9.92 13.12
CA GLN A 311 -14.66 10.65 13.69
C GLN A 311 -13.33 10.08 13.27
N ARG A 312 -13.30 8.82 12.86
CA ARG A 312 -12.10 8.31 12.23
C ARG A 312 -12.33 7.27 11.19
N ASN A 313 -11.24 6.86 10.55
CA ASN A 313 -11.31 5.85 9.51
C ASN A 313 -11.82 4.50 10.06
N GLY A 314 -12.29 3.66 9.15
CA GLY A 314 -12.70 2.35 9.51
C GLY A 314 -11.55 1.41 9.69
N LYS A 315 -11.80 0.30 10.39
CA LYS A 315 -10.90 -0.78 10.44
C LYS A 315 -10.87 -1.45 9.06
N LYS A 316 -9.69 -1.85 8.58
CA LYS A 316 -9.61 -2.68 7.36
C LYS A 316 -10.37 -3.98 7.49
N GLN A 317 -11.18 -4.26 6.47
CA GLN A 317 -11.69 -5.58 6.30
C GLN A 317 -10.58 -6.52 5.75
N TYR A 318 -10.81 -7.83 5.90
CA TYR A 318 -9.99 -8.87 5.39
C TYR A 318 -9.62 -8.63 3.91
N CYS A 319 -10.60 -8.21 3.12
CA CYS A 319 -10.35 -8.01 1.69
C CYS A 319 -9.34 -6.93 1.37
N GLU A 320 -9.06 -6.04 2.31
CA GLU A 320 -8.11 -4.96 2.11
C GLU A 320 -6.70 -5.33 2.59
N THR A 321 -6.55 -6.49 3.19
CA THR A 321 -5.24 -6.88 3.79
C THR A 321 -4.42 -7.69 2.76
N SER A 322 -3.13 -7.94 3.06
CA SER A 322 -2.19 -8.61 2.12
C SER A 322 -2.04 -10.07 2.44
N LYS A 323 -2.07 -10.91 1.42
CA LYS A 323 -1.82 -12.35 1.57
C LYS A 323 -0.47 -12.66 2.25
N PHE A 324 0.52 -11.75 2.12
CA PHE A 324 1.88 -11.98 2.64
C PHE A 324 2.42 -10.81 3.49
N GLU B 2 34.44 -9.18 -29.74
CA GLU B 2 33.03 -9.53 -29.41
C GLU B 2 32.79 -9.59 -27.88
N ILE B 3 32.03 -8.65 -27.33
CA ILE B 3 31.84 -8.60 -25.89
C ILE B 3 30.73 -9.53 -25.40
N PRO B 4 31.03 -10.38 -24.46
CA PRO B 4 30.02 -11.30 -24.01
C PRO B 4 29.01 -10.68 -23.06
N VAL B 5 27.84 -11.33 -23.01
CA VAL B 5 26.65 -10.86 -22.33
C VAL B 5 26.15 -11.97 -21.37
N ILE B 6 25.66 -11.57 -20.20
CA ILE B 6 24.97 -12.50 -19.31
C ILE B 6 23.61 -11.96 -19.08
N GLU B 7 22.70 -12.86 -18.70
CA GLU B 7 21.28 -12.51 -18.47
C GLU B 7 20.79 -13.05 -17.14
N PRO B 8 21.28 -12.50 -16.03
CA PRO B 8 20.79 -12.96 -14.74
C PRO B 8 19.32 -12.65 -14.49
N LEU B 9 18.76 -13.30 -13.47
CA LEU B 9 17.41 -12.99 -12.98
C LEU B 9 17.36 -11.61 -12.29
N PHE B 10 16.45 -10.76 -12.75
CA PHE B 10 16.10 -9.51 -12.05
C PHE B 10 14.77 -9.76 -11.26
N THR B 11 14.68 -9.25 -10.04
CA THR B 11 13.45 -9.35 -9.21
C THR B 11 12.95 -7.93 -8.99
N LYS B 12 11.75 -7.60 -9.49
CA LYS B 12 11.14 -6.28 -9.28
C LYS B 12 10.86 -6.09 -7.79
N MET B 13 11.41 -5.01 -7.21
CA MET B 13 11.33 -4.77 -5.79
C MET B 13 10.25 -3.74 -5.44
N THR B 14 10.13 -2.67 -6.22
CA THR B 14 9.07 -1.68 -5.97
C THR B 14 8.75 -0.99 -7.28
N GLU B 15 7.53 -0.44 -7.35
CA GLU B 15 7.01 0.17 -8.56
C GLU B 15 6.61 1.61 -8.32
N ASP B 16 6.38 2.32 -9.42
CA ASP B 16 5.65 3.59 -9.44
C ASP B 16 6.45 4.72 -8.78
N ILE B 17 7.73 4.76 -9.09
CA ILE B 17 8.63 5.82 -8.66
C ILE B 17 9.07 6.57 -9.91
N PRO B 18 8.45 7.72 -10.17
CA PRO B 18 8.76 8.44 -11.41
C PRO B 18 10.22 8.78 -11.58
N GLY B 19 10.80 8.40 -12.71
CA GLY B 19 12.21 8.74 -12.97
C GLY B 19 13.15 8.19 -11.91
N ALA B 20 12.76 7.08 -11.34
CA ALA B 20 13.50 6.43 -10.27
C ALA B 20 15.01 6.46 -10.45
N THR B 21 15.65 7.01 -9.43
CA THR B 21 17.09 7.10 -9.42
C THR B 21 17.57 7.21 -7.98
N GLY B 22 18.81 7.63 -7.82
CA GLY B 22 19.38 7.81 -6.51
C GLY B 22 19.27 6.69 -5.49
N PRO B 23 19.40 5.42 -5.89
CA PRO B 23 19.28 4.35 -4.91
C PRO B 23 20.45 4.36 -3.95
N VAL B 24 20.16 4.25 -2.65
CA VAL B 24 21.20 4.35 -1.64
C VAL B 24 20.80 3.64 -0.35
N PHE B 25 21.78 3.04 0.34
CA PHE B 25 21.64 2.46 1.67
C PHE B 25 22.33 3.35 2.66
N ASP B 26 21.68 3.64 3.80
CA ASP B 26 22.31 4.48 4.78
C ASP B 26 23.10 3.61 5.77
N LYS B 27 23.58 4.17 6.86
CA LYS B 27 24.45 3.42 7.78
C LYS B 27 23.69 2.35 8.59
N ASN B 28 22.35 2.39 8.59
CA ASN B 28 21.55 1.40 9.32
C ASN B 28 21.05 0.32 8.40
N GLY B 29 21.33 0.47 7.10
CA GLY B 29 20.89 -0.50 6.11
C GLY B 29 19.51 -0.16 5.58
N ASP B 30 18.96 0.99 5.93
CA ASP B 30 17.71 1.50 5.32
C ASP B 30 17.97 1.91 3.85
N PHE B 31 16.97 1.70 3.00
CA PHE B 31 17.08 1.87 1.56
C PHE B 31 16.23 3.04 1.12
N TYR B 32 16.85 3.94 0.35
CA TYR B 32 16.15 5.11 -0.22
C TYR B 32 16.31 5.17 -1.73
N VAL B 33 15.32 5.77 -2.37
CA VAL B 33 15.37 6.02 -3.82
C VAL B 33 14.83 7.41 -4.04
N VAL B 34 15.13 8.00 -5.19
CA VAL B 34 14.69 9.32 -5.52
C VAL B 34 13.70 9.24 -6.66
N ALA B 35 12.64 10.00 -6.52
CA ALA B 35 11.69 10.15 -7.56
C ALA B 35 12.03 11.41 -8.27
N SER B 36 12.18 11.32 -9.61
CA SER B 36 12.52 12.45 -10.47
C SER B 36 11.54 12.62 -11.63
N PRO B 37 10.43 13.35 -11.39
CA PRO B 37 9.51 13.64 -12.50
C PRO B 37 10.19 14.33 -13.67
N LEU B 38 11.19 15.16 -13.39
CA LEU B 38 12.01 15.78 -14.43
C LEU B 38 12.74 14.75 -15.35
N SER B 39 13.39 13.74 -14.77
CA SER B 39 13.91 12.62 -15.56
C SER B 39 12.81 11.95 -16.34
N GLU B 40 11.66 11.74 -15.69
CA GLU B 40 10.53 11.07 -16.33
C GLU B 40 10.25 11.86 -17.58
N ALA B 41 10.26 13.19 -17.45
CA ALA B 41 9.90 14.06 -18.56
C ALA B 41 11.00 14.22 -19.62
N LEU B 42 12.27 14.30 -19.23
CA LEU B 42 13.33 14.38 -20.25
C LEU B 42 13.31 13.17 -21.20
N THR B 43 12.94 12.01 -20.67
CA THR B 43 12.46 10.89 -21.48
C THR B 43 11.08 11.36 -21.98
N LYS B 44 10.34 10.55 -22.71
CA LYS B 44 8.96 10.89 -23.04
C LYS B 44 8.82 12.28 -23.66
N SER B 55 6.35 18.25 -17.32
CA SER B 55 7.53 18.36 -16.47
C SER B 55 7.23 18.06 -15.00
N ARG B 56 5.98 18.31 -14.59
CA ARG B 56 5.55 18.21 -13.19
C ARG B 56 5.34 16.75 -12.77
N GLY B 57 5.28 16.43 -11.46
CA GLY B 57 5.49 17.38 -10.35
C GLY B 57 6.95 17.60 -9.96
N ALA B 58 7.23 17.66 -8.66
CA ALA B 58 8.60 17.87 -8.15
C ALA B 58 9.19 16.65 -7.40
N GLY B 59 10.50 16.63 -7.28
CA GLY B 59 11.20 15.41 -6.87
C GLY B 59 11.12 15.15 -5.38
N GLU B 60 11.39 13.91 -5.00
CA GLU B 60 11.25 13.47 -3.61
C GLU B 60 12.33 12.45 -3.32
N ILE B 61 12.67 12.37 -2.04
CA ILE B 61 13.48 11.29 -1.51
C ILE B 61 12.53 10.39 -0.74
N LEU B 62 12.55 9.09 -1.10
CA LEU B 62 11.64 8.11 -0.57
C LEU B 62 12.42 7.06 0.19
N HIS B 63 11.83 6.63 1.29
CA HIS B 63 12.26 5.42 1.94
C HIS B 63 11.45 4.25 1.45
N ILE B 64 12.13 3.13 1.23
CA ILE B 64 11.47 1.93 0.74
C ILE B 64 11.73 0.89 1.77
N ASP B 65 10.66 0.36 2.36
CA ASP B 65 10.83 -0.78 3.25
C ASP B 65 10.95 -2.02 2.36
N LEU B 66 12.09 -2.67 2.39
CA LEU B 66 12.31 -3.83 1.48
C LEU B 66 11.48 -5.08 1.85
N LYS B 67 11.14 -5.23 3.12
CA LYS B 67 10.26 -6.34 3.53
C LYS B 67 8.84 -6.05 3.03
N THR B 68 8.27 -4.91 3.40
CA THR B 68 6.81 -4.63 3.15
C THR B 68 6.48 -3.96 1.82
N GLY B 69 7.46 -3.27 1.21
CA GLY B 69 7.17 -2.48 0.00
C GLY B 69 6.69 -1.05 0.29
N LYS B 70 6.47 -0.72 1.57
CA LYS B 70 5.90 0.60 1.95
C LYS B 70 6.89 1.68 1.51
N LYS B 71 6.36 2.67 0.79
CA LYS B 71 7.13 3.84 0.35
C LYS B 71 6.70 5.01 1.20
N THR B 72 7.69 5.73 1.72
CA THR B 72 7.49 6.81 2.66
C THR B 72 8.29 8.00 2.15
N VAL B 73 7.63 9.13 1.98
CA VAL B 73 8.33 10.33 1.56
C VAL B 73 9.12 10.86 2.73
N ILE B 74 10.43 10.93 2.56
CA ILE B 74 11.35 11.53 3.49
C ILE B 74 11.45 13.04 3.31
N CYS B 75 11.64 13.50 2.08
CA CYS B 75 11.86 14.92 1.82
C CYS B 75 11.38 15.24 0.46
N LYS B 76 10.70 16.37 0.29
CA LYS B 76 10.32 16.88 -1.01
C LYS B 76 10.97 18.25 -1.06
N PRO B 77 12.23 18.32 -1.45
CA PRO B 77 12.92 19.59 -1.28
C PRO B 77 12.46 20.70 -2.24
N GLU B 78 12.47 21.91 -1.69
CA GLU B 78 12.02 23.12 -2.37
C GLU B 78 12.73 24.26 -1.64
N VAL B 79 13.20 25.22 -2.40
CA VAL B 79 13.87 26.38 -1.83
C VAL B 79 13.34 27.63 -2.51
N ASN B 80 12.87 28.56 -1.72
CA ASN B 80 12.26 29.80 -2.24
C ASN B 80 11.26 29.57 -3.38
N GLY B 81 10.43 28.53 -3.22
CA GLY B 81 9.44 28.14 -4.23
C GLY B 81 9.86 27.25 -5.40
N TYR B 82 11.14 26.97 -5.51
CA TYR B 82 11.65 26.21 -6.63
C TYR B 82 11.78 24.81 -6.21
N GLY B 83 11.09 23.93 -6.93
CA GLY B 83 11.10 22.51 -6.63
C GLY B 83 12.46 21.92 -6.94
N GLY B 84 12.91 21.00 -6.10
CA GLY B 84 14.17 20.34 -6.33
C GLY B 84 13.96 19.32 -7.44
N SER B 85 15.05 18.93 -8.06
CA SER B 85 15.08 17.84 -9.02
C SER B 85 16.25 16.94 -8.61
N PRO B 86 16.16 16.32 -7.41
CA PRO B 86 17.27 15.44 -7.02
C PRO B 86 17.49 14.30 -8.00
N ILE B 87 18.72 13.82 -8.06
CA ILE B 87 19.07 12.67 -8.87
C ILE B 87 19.91 11.71 -8.02
N GLY B 88 21.18 11.98 -7.88
CA GLY B 88 22.10 11.07 -7.18
C GLY B 88 22.27 11.27 -5.66
N CYS B 89 22.58 10.19 -4.96
CA CYS B 89 22.63 10.18 -3.47
C CYS B 89 23.82 9.37 -2.97
N GLN B 90 24.46 9.87 -1.93
CA GLN B 90 25.49 9.13 -1.19
C GLN B 90 25.19 9.36 0.30
N CYS B 91 25.45 8.37 1.13
CA CYS B 91 25.34 8.50 2.58
C CYS B 91 26.69 8.91 3.23
N ASP B 92 26.62 9.86 4.17
CA ASP B 92 27.81 10.32 4.94
C ASP B 92 28.29 9.20 5.87
N ARG B 93 29.54 9.28 6.30
CA ARG B 93 30.13 8.34 7.22
C ARG B 93 29.97 8.78 8.70
N ASP B 94 30.34 10.02 9.03
CA ASP B 94 30.35 10.45 10.45
C ASP B 94 28.98 10.83 10.99
N ALA B 95 28.02 11.16 10.12
CA ALA B 95 26.63 11.28 10.52
C ALA B 95 25.78 10.53 9.54
N ASN B 96 24.67 9.98 10.02
CA ASN B 96 23.70 9.35 9.10
C ASN B 96 22.84 10.39 8.38
N GLN B 97 23.33 10.93 7.27
CA GLN B 97 22.60 11.94 6.53
C GLN B 97 22.96 11.69 5.06
N LEU B 98 22.08 12.08 4.16
CA LEU B 98 22.29 11.80 2.75
C LEU B 98 22.73 13.08 2.03
N PHE B 99 23.74 12.96 1.18
CA PHE B 99 24.21 14.04 0.31
C PHE B 99 23.56 13.78 -1.04
N VAL B 100 22.82 14.76 -1.52
CA VAL B 100 21.92 14.63 -2.64
C VAL B 100 22.22 15.68 -3.70
N ALA B 101 22.59 15.21 -4.88
CA ALA B 101 22.79 16.08 -6.04
C ALA B 101 21.45 16.48 -6.71
N ASP B 102 21.21 17.78 -6.87
CA ASP B 102 19.93 18.21 -7.32
C ASP B 102 20.12 19.13 -8.51
N MET B 103 19.38 18.87 -9.58
CA MET B 103 19.58 19.57 -10.84
CA MET B 103 19.62 19.58 -10.84
C MET B 103 19.08 21.00 -10.78
N ARG B 104 18.20 21.28 -9.82
CA ARG B 104 17.71 22.64 -9.64
C ARG B 104 18.33 23.33 -8.45
N LEU B 105 18.67 22.58 -7.39
CA LEU B 105 19.12 23.23 -6.16
C LEU B 105 20.59 23.07 -5.81
N GLY B 106 21.31 22.18 -6.49
CA GLY B 106 22.75 22.07 -6.29
C GLY B 106 23.07 20.87 -5.41
N LEU B 107 23.78 21.08 -4.31
CA LEU B 107 24.09 19.96 -3.41
C LEU B 107 23.27 20.16 -2.14
N LEU B 108 22.46 19.16 -1.79
CA LEU B 108 21.69 19.23 -0.54
C LEU B 108 22.25 18.23 0.42
N VAL B 109 22.11 18.52 1.71
CA VAL B 109 22.24 17.47 2.77
C VAL B 109 20.91 17.24 3.40
N VAL B 110 20.54 15.96 3.49
CA VAL B 110 19.19 15.59 3.87
C VAL B 110 19.18 14.67 5.07
N GLN B 111 18.40 15.05 6.07
CA GLN B 111 18.25 14.29 7.29
C GLN B 111 17.09 13.31 7.16
N THR B 112 17.17 12.22 7.90
CA THR B 112 16.09 11.23 7.87
C THR B 112 14.72 11.77 8.31
N GLU B 113 14.70 12.85 9.09
CA GLU B 113 13.45 13.48 9.51
C GLU B 113 12.90 14.46 8.46
N GLY B 114 13.54 14.53 7.29
CA GLY B 114 13.09 15.42 6.26
C GLY B 114 13.67 16.82 6.20
N THR B 115 14.43 17.22 7.21
CA THR B 115 15.03 18.53 7.17
C THR B 115 16.19 18.45 6.15
N PHE B 116 16.47 19.57 5.49
CA PHE B 116 17.60 19.57 4.55
C PHE B 116 18.20 20.96 4.44
N GLU B 117 19.47 20.97 4.06
CA GLU B 117 20.26 22.17 3.90
C GLU B 117 20.75 22.20 2.46
N GLU B 118 20.75 23.39 1.89
CA GLU B 118 21.46 23.67 0.66
C GLU B 118 22.92 23.91 1.07
N ILE B 119 23.83 23.34 0.32
CA ILE B 119 25.21 23.44 0.69
C ILE B 119 25.90 24.66 0.08
N ALA B 120 25.53 25.00 -1.16
CA ALA B 120 26.24 26.06 -1.91
C ALA B 120 25.36 26.72 -2.96
N LYS B 121 25.26 28.04 -2.91
CA LYS B 121 24.63 28.81 -3.98
C LYS B 121 25.74 29.34 -4.91
N LYS B 122 26.98 29.37 -4.38
CA LYS B 122 28.17 29.72 -5.13
C LYS B 122 29.41 28.83 -4.89
N ASP B 123 30.27 28.70 -5.91
CA ASP B 123 31.53 27.95 -5.73
C ASP B 123 32.56 28.84 -5.10
N SER B 124 33.72 28.26 -4.81
CA SER B 124 34.79 28.91 -4.10
C SER B 124 35.38 30.15 -4.79
N GLU B 125 35.19 30.24 -6.11
CA GLU B 125 35.60 31.42 -6.87
C GLU B 125 34.44 32.43 -6.94
N GLY B 126 33.35 32.11 -6.24
CA GLY B 126 32.23 33.02 -6.05
C GLY B 126 31.33 33.11 -7.24
N ARG B 127 31.29 32.05 -8.04
CA ARG B 127 30.40 31.97 -9.18
C ARG B 127 29.12 31.24 -8.77
N CYS B 128 28.12 31.30 -9.64
CA CYS B 128 26.86 30.66 -9.36
C CYS B 128 27.10 29.17 -9.46
N MET B 129 26.50 28.43 -8.56
CA MET B 129 26.56 26.96 -8.64
C MET B 129 25.75 26.49 -9.82
N GLN B 130 26.17 25.37 -10.42
CA GLN B 130 25.30 24.70 -11.40
C GLN B 130 24.56 23.53 -10.78
N GLY B 131 23.39 23.22 -11.31
CA GLY B 131 22.64 22.03 -10.91
C GLY B 131 23.44 20.76 -11.12
N CYS B 132 23.30 19.87 -10.14
CA CYS B 132 24.12 18.70 -9.99
C CYS B 132 23.28 17.49 -10.28
N ALA B 133 23.96 16.40 -10.65
CA ALA B 133 23.30 15.17 -10.98
C ALA B 133 23.78 13.99 -10.15
N TYR B 134 25.04 13.63 -10.30
CA TYR B 134 25.54 12.42 -9.65
C TYR B 134 26.65 12.81 -8.69
N CYS B 135 26.86 12.01 -7.64
CA CYS B 135 27.92 12.28 -6.73
C CYS B 135 28.51 11.04 -6.13
N ALA B 136 29.79 11.13 -5.75
CA ALA B 136 30.55 9.99 -5.20
C ALA B 136 31.53 10.45 -4.16
N PHE B 137 31.45 9.86 -2.94
CA PHE B 137 32.50 10.12 -1.92
C PHE B 137 33.80 9.35 -2.19
N ASP B 138 34.95 9.98 -1.99
CA ASP B 138 36.15 9.19 -1.79
C ASP B 138 36.26 8.75 -0.32
N TYR B 139 37.21 7.89 -0.03
CA TYR B 139 37.37 7.33 1.28
C TYR B 139 37.92 8.33 2.33
N GLU B 140 38.38 9.49 1.88
CA GLU B 140 38.80 10.61 2.74
C GLU B 140 37.65 11.53 3.02
N GLY B 141 36.50 11.27 2.41
CA GLY B 141 35.34 12.07 2.70
C GLY B 141 35.14 13.28 1.83
N ASN B 142 35.87 13.39 0.72
CA ASN B 142 35.51 14.38 -0.29
C ASN B 142 34.41 13.93 -1.28
N LEU B 143 33.52 14.80 -1.69
CA LEU B 143 32.37 14.43 -2.51
C LEU B 143 32.55 15.01 -3.90
N TRP B 144 32.71 14.10 -4.83
CA TRP B 144 32.94 14.48 -6.24
C TRP B 144 31.57 14.45 -6.93
N ILE B 145 31.27 15.50 -7.69
CA ILE B 145 29.91 15.77 -8.15
C ILE B 145 29.99 16.16 -9.61
N THR B 146 28.99 15.71 -10.38
CA THR B 146 28.79 16.12 -11.75
C THR B 146 27.61 17.08 -11.79
N ALA B 147 27.78 18.09 -12.64
CA ALA B 147 26.81 19.16 -12.75
C ALA B 147 26.53 19.41 -14.24
N PRO B 148 25.56 18.68 -14.81
CA PRO B 148 25.18 18.80 -16.22
C PRO B 148 24.21 19.95 -16.48
N ALA B 149 23.67 20.55 -15.41
CA ALA B 149 22.68 21.61 -15.61
C ALA B 149 23.37 22.97 -15.74
N GLY B 150 22.60 23.98 -16.09
CA GLY B 150 23.11 25.34 -15.95
C GLY B 150 22.93 25.79 -14.51
N GLY B 151 22.90 27.09 -14.29
CA GLY B 151 22.85 27.63 -12.94
C GLY B 151 21.71 27.07 -12.13
N VAL B 152 21.91 26.95 -10.83
CA VAL B 152 20.79 26.59 -9.96
C VAL B 152 19.65 27.60 -9.99
N ALA B 153 18.47 27.15 -9.59
CA ALA B 153 17.33 28.05 -9.35
C ALA B 153 17.83 29.28 -8.58
N PRO B 154 17.35 30.48 -8.94
CA PRO B 154 16.25 30.90 -9.83
C PRO B 154 16.59 31.03 -11.31
N ALA B 155 17.79 30.64 -11.72
CA ALA B 155 18.11 30.56 -13.13
C ALA B 155 17.17 29.56 -13.85
N ASP B 156 16.77 29.85 -15.09
CA ASP B 156 15.88 28.93 -15.81
C ASP B 156 16.61 27.63 -16.06
N PHE B 157 15.87 26.55 -16.12
CA PHE B 157 16.48 25.25 -16.22
C PHE B 157 17.01 25.00 -17.64
N THR B 158 18.31 24.72 -17.72
CA THR B 158 18.95 24.24 -18.93
C THR B 158 19.82 23.02 -18.56
N ILE B 159 20.20 22.27 -19.57
CA ILE B 159 21.01 21.06 -19.38
C ILE B 159 21.79 20.77 -20.66
N SER B 160 23.03 20.34 -20.43
CA SER B 160 24.08 20.31 -21.42
C SER B 160 24.01 19.07 -22.29
N LEU B 161 22.80 18.66 -22.65
CA LEU B 161 22.55 17.49 -23.48
C LEU B 161 23.09 17.68 -24.90
N ARG B 162 23.28 18.93 -25.33
CA ARG B 162 23.82 19.21 -26.68
C ARG B 162 24.94 20.27 -26.75
N GLU B 163 25.03 21.19 -25.79
CA GLU B 163 26.19 22.09 -25.68
C GLU B 163 27.11 21.68 -24.54
N LYS B 164 28.34 22.20 -24.54
CA LYS B 164 29.39 21.73 -23.65
C LYS B 164 29.69 22.67 -22.47
N PHE B 165 28.77 22.72 -21.51
CA PHE B 165 28.95 23.59 -20.31
C PHE B 165 28.80 22.83 -18.98
N GLY B 166 28.64 21.50 -19.03
CA GLY B 166 28.53 20.73 -17.79
C GLY B 166 29.83 20.73 -17.06
N SER B 167 29.75 20.74 -15.72
CA SER B 167 30.91 20.87 -14.92
C SER B 167 31.08 19.72 -13.91
N ILE B 168 32.25 19.67 -13.34
CA ILE B 168 32.58 18.75 -12.23
C ILE B 168 33.00 19.58 -11.00
N TYR B 169 32.43 19.29 -9.83
CA TYR B 169 32.83 19.95 -8.57
C TYR B 169 33.45 18.93 -7.59
N CYS B 170 34.16 19.42 -6.59
CA CYS B 170 34.59 18.58 -5.44
C CYS B 170 34.28 19.35 -4.17
N PHE B 171 33.41 18.76 -3.34
CA PHE B 171 33.05 19.33 -2.01
C PHE B 171 33.97 18.70 -1.03
N THR B 172 34.91 19.51 -0.54
CA THR B 172 35.98 19.00 0.27
C THR B 172 35.58 18.84 1.73
N THR B 173 36.35 18.03 2.46
CA THR B 173 36.10 17.84 3.90
C THR B 173 36.17 19.12 4.73
N ASP B 174 36.89 20.13 4.27
CA ASP B 174 36.87 21.41 5.00
C ASP B 174 35.77 22.34 4.50
N GLY B 175 34.85 21.83 3.65
CA GLY B 175 33.63 22.55 3.30
C GLY B 175 33.72 23.51 2.15
N GLN B 176 34.72 23.33 1.28
CA GLN B 176 34.86 24.18 0.08
C GLN B 176 34.20 23.49 -1.14
N MET B 177 33.38 24.25 -1.88
CA MET B 177 32.76 23.80 -3.12
C MET B 177 33.57 24.30 -4.34
N ILE B 178 34.37 23.42 -4.88
CA ILE B 178 35.42 23.84 -5.80
C ILE B 178 35.10 23.20 -7.14
N GLN B 179 34.97 24.06 -8.14
CA GLN B 179 34.91 23.60 -9.53
C GLN B 179 36.25 23.11 -9.96
N VAL B 180 36.33 21.85 -10.39
CA VAL B 180 37.57 21.24 -10.82
C VAL B 180 37.68 20.96 -12.33
N ASP B 181 36.56 20.97 -13.04
CA ASP B 181 36.61 20.98 -14.53
C ASP B 181 35.31 21.44 -15.12
N THR B 182 35.30 21.64 -16.45
CA THR B 182 34.10 22.02 -17.14
C THR B 182 34.12 21.64 -18.64
N ALA B 183 33.09 22.03 -19.39
CA ALA B 183 33.00 21.80 -20.82
C ALA B 183 32.51 20.39 -21.20
N PHE B 184 31.81 19.72 -20.28
CA PHE B 184 31.32 18.37 -20.56
C PHE B 184 29.97 18.48 -21.20
N GLN B 185 29.69 17.52 -22.08
CA GLN B 185 28.38 17.38 -22.58
C GLN B 185 27.58 16.37 -21.77
N CYS B 186 26.81 16.89 -20.78
CA CYS B 186 25.97 16.10 -19.89
C CYS B 186 26.77 15.07 -19.11
N PRO B 187 27.66 15.54 -18.23
CA PRO B 187 28.33 14.64 -17.31
C PRO B 187 27.25 13.97 -16.42
N ALA B 188 27.43 12.68 -16.15
CA ALA B 188 26.37 11.88 -15.57
C ALA B 188 27.03 11.17 -14.39
N GLY B 189 27.03 9.84 -14.39
CA GLY B 189 27.59 9.07 -13.29
C GLY B 189 29.02 9.41 -12.98
N ILE B 190 29.39 9.21 -11.73
CA ILE B 190 30.75 9.50 -11.27
C ILE B 190 31.10 8.45 -10.17
N ALA B 191 32.37 8.13 -10.12
CA ALA B 191 32.90 7.16 -9.18
C ALA B 191 34.34 7.40 -8.90
N VAL B 192 34.79 6.91 -7.74
CA VAL B 192 36.21 7.05 -7.39
C VAL B 192 36.79 5.68 -7.23
N ARG B 193 37.92 5.42 -7.89
CA ARG B 193 38.62 4.15 -7.79
C ARG B 193 39.63 4.36 -6.71
N HIS B 194 39.69 3.40 -5.79
CA HIS B 194 40.66 3.36 -4.72
C HIS B 194 41.65 2.23 -4.88
N MET B 195 42.83 2.49 -4.33
CA MET B 195 43.89 1.49 -4.24
CA MET B 195 43.90 1.49 -4.23
C MET B 195 43.54 0.58 -3.09
N ASN B 196 44.13 -0.62 -3.08
CA ASN B 196 43.93 -1.57 -2.01
C ASN B 196 44.20 -0.95 -0.64
N ASP B 197 45.14 0.02 -0.55
CA ASP B 197 45.37 0.77 0.70
C ASP B 197 44.27 1.79 1.14
N GLY B 198 43.24 2.03 0.32
CA GLY B 198 42.22 3.05 0.63
C GLY B 198 42.45 4.42 -0.01
N ARG B 199 43.61 4.60 -0.63
CA ARG B 199 43.90 5.92 -1.19
C ARG B 199 43.08 6.09 -2.46
N PRO B 200 42.43 7.25 -2.60
CA PRO B 200 41.75 7.62 -3.82
C PRO B 200 42.78 7.86 -4.91
N TYR B 201 42.58 7.21 -6.06
CA TYR B 201 43.55 7.21 -7.17
C TYR B 201 43.03 7.79 -8.47
N GLN B 202 41.79 7.49 -8.87
CA GLN B 202 41.24 7.98 -10.12
C GLN B 202 39.82 8.39 -9.92
N LEU B 203 39.41 9.45 -10.60
CA LEU B 203 38.03 9.87 -10.69
C LEU B 203 37.58 9.39 -12.06
N ILE B 204 36.47 8.67 -12.11
CA ILE B 204 35.82 8.25 -13.37
C ILE B 204 34.54 9.02 -13.58
N VAL B 205 34.42 9.65 -14.75
CA VAL B 205 33.26 10.44 -15.08
C VAL B 205 32.65 10.05 -16.39
N ALA B 206 31.34 9.81 -16.36
CA ALA B 206 30.55 9.54 -17.54
C ALA B 206 30.13 10.82 -18.26
N GLU B 207 30.32 10.84 -19.57
CA GLU B 207 29.82 11.92 -20.39
C GLU B 207 28.82 11.23 -21.25
N GLN B 208 27.55 11.50 -21.01
CA GLN B 208 26.48 10.62 -21.43
C GLN B 208 26.28 10.46 -22.96
N PRO B 209 25.97 11.54 -23.70
CA PRO B 209 25.82 11.47 -25.19
C PRO B 209 27.09 11.24 -25.99
N THR B 210 28.26 11.44 -25.42
CA THR B 210 29.47 11.19 -26.16
C THR B 210 29.83 9.70 -26.10
N LYS B 211 29.12 8.88 -25.32
CA LYS B 211 29.44 7.46 -25.13
C LYS B 211 30.86 7.25 -24.67
N LYS B 212 31.36 8.16 -23.81
CA LYS B 212 32.67 8.04 -23.20
C LYS B 212 32.61 8.10 -21.66
N LEU B 213 33.55 7.41 -21.04
CA LEU B 213 33.88 7.62 -19.63
C LEU B 213 35.28 8.22 -19.60
N TRP B 214 35.45 9.30 -18.85
CA TRP B 214 36.72 9.97 -18.68
C TRP B 214 37.33 9.66 -17.31
N SER B 215 38.66 9.67 -17.23
CA SER B 215 39.36 9.56 -15.95
C SER B 215 40.30 10.73 -15.69
N TYR B 216 40.50 11.02 -14.41
CA TYR B 216 41.58 11.86 -13.90
C TYR B 216 42.34 11.11 -12.83
N ASP B 217 43.61 11.39 -12.68
CA ASP B 217 44.33 11.04 -11.50
C ASP B 217 44.02 12.04 -10.37
N ILE B 218 43.76 11.49 -9.21
CA ILE B 218 43.49 12.24 -7.99
C ILE B 218 44.83 12.42 -7.24
N LYS B 219 45.22 13.66 -7.05
CA LYS B 219 46.43 14.01 -6.35
C LYS B 219 46.14 14.63 -4.98
N GLY B 220 44.86 14.89 -4.70
CA GLY B 220 44.45 15.40 -3.39
C GLY B 220 43.01 15.84 -3.48
N PRO B 221 42.46 16.36 -2.38
CA PRO B 221 41.12 16.97 -2.42
C PRO B 221 41.00 18.06 -3.46
N ALA B 222 39.99 17.98 -4.34
CA ALA B 222 39.78 18.90 -5.43
C ALA B 222 41.01 19.08 -6.33
N ASN B 223 41.94 18.12 -6.28
CA ASN B 223 43.18 18.24 -7.00
C ASN B 223 43.28 17.09 -8.00
N ILE B 224 42.87 17.37 -9.24
CA ILE B 224 42.87 16.37 -10.34
C ILE B 224 43.69 16.79 -11.57
N GLU B 225 44.40 15.81 -12.12
CA GLU B 225 45.19 15.98 -13.36
C GLU B 225 45.09 14.78 -14.28
N ASN B 226 45.86 14.85 -15.39
CA ASN B 226 45.99 13.76 -16.37
C ASN B 226 44.67 13.27 -16.93
N LYS B 227 43.78 14.20 -17.34
CA LYS B 227 42.49 13.91 -17.97
C LYS B 227 42.67 13.10 -19.24
N LYS B 228 41.86 12.05 -19.37
CA LYS B 228 41.94 11.18 -20.54
C LYS B 228 40.63 10.43 -20.75
N VAL B 229 40.39 9.95 -21.97
CA VAL B 229 39.33 8.97 -22.17
C VAL B 229 39.73 7.61 -21.58
N TRP B 230 38.93 7.13 -20.65
CA TRP B 230 39.17 5.89 -19.90
C TRP B 230 38.41 4.72 -20.48
N GLY B 231 37.19 4.97 -20.98
CA GLY B 231 36.31 3.87 -21.34
C GLY B 231 35.34 4.17 -22.46
N HIS B 232 35.07 3.15 -23.26
CA HIS B 232 34.06 3.28 -24.33
C HIS B 232 32.73 2.63 -24.01
N ILE B 233 31.64 3.38 -24.20
CA ILE B 233 30.27 2.92 -23.96
C ILE B 233 29.57 2.52 -25.26
N PRO B 234 29.19 1.24 -25.37
CA PRO B 234 28.72 0.73 -26.64
C PRO B 234 27.38 1.30 -27.06
N GLY B 235 27.12 1.36 -28.38
CA GLY B 235 25.78 1.58 -28.91
C GLY B 235 25.50 3.00 -29.39
N THR B 236 24.60 3.16 -30.37
CA THR B 236 24.26 4.50 -30.94
C THR B 236 22.86 4.96 -30.58
N HIS B 237 22.23 4.28 -29.63
CA HIS B 237 20.94 4.66 -29.03
C HIS B 237 21.02 6.08 -28.39
N LYS B 238 19.88 6.71 -28.25
CA LYS B 238 19.73 7.95 -27.46
C LYS B 238 20.06 7.55 -26.01
N GLY B 239 21.01 8.23 -25.38
CA GLY B 239 21.27 7.87 -23.99
C GLY B 239 22.74 7.63 -23.89
N GLY B 240 23.14 6.64 -23.07
CA GLY B 240 24.54 6.48 -22.80
C GLY B 240 24.72 6.26 -21.28
N ALA B 241 25.95 6.37 -20.82
CA ALA B 241 26.27 6.08 -19.43
C ALA B 241 25.53 6.99 -18.49
N ALA B 242 24.86 6.38 -17.50
CA ALA B 242 24.19 7.12 -16.44
C ALA B 242 24.89 6.78 -15.10
N GLY B 243 24.22 6.11 -14.17
CA GLY B 243 24.89 5.77 -12.88
C GLY B 243 25.93 4.68 -12.97
N MET B 244 26.83 4.62 -12.01
CA MET B 244 27.88 3.60 -12.00
C MET B 244 28.28 3.26 -10.56
N VAL B 245 28.81 2.05 -10.37
CA VAL B 245 29.28 1.58 -9.05
C VAL B 245 30.43 0.58 -9.23
N PHE B 246 31.33 0.50 -8.26
CA PHE B 246 32.38 -0.49 -8.29
C PHE B 246 32.01 -1.75 -7.51
N ASP B 247 32.49 -2.89 -7.98
CA ASP B 247 32.47 -4.09 -7.16
C ASP B 247 33.79 -4.21 -6.38
N GLU B 248 33.90 -5.21 -5.50
CA GLU B 248 35.10 -5.37 -4.67
C GLU B 248 36.39 -5.65 -5.44
N ASP B 249 36.32 -6.08 -6.70
CA ASP B 249 37.53 -6.26 -7.52
C ASP B 249 37.88 -4.98 -8.32
N ASN B 250 37.17 -3.89 -8.02
CA ASN B 250 37.29 -2.63 -8.77
C ASN B 250 36.84 -2.69 -10.22
N ASN B 251 35.97 -3.65 -10.53
CA ASN B 251 35.21 -3.64 -11.76
C ASN B 251 34.16 -2.57 -11.62
N LEU B 252 33.93 -1.83 -12.71
CA LEU B 252 32.98 -0.72 -12.76
C LEU B 252 31.79 -1.14 -13.55
N LEU B 253 30.63 -1.17 -12.88
CA LEU B 253 29.37 -1.47 -13.50
C LEU B 253 28.66 -0.13 -13.83
N VAL B 254 28.30 0.03 -15.08
CA VAL B 254 27.77 1.29 -15.60
C VAL B 254 26.43 1.05 -16.25
N ALA B 255 25.38 1.74 -15.79
CA ALA B 255 24.05 1.69 -16.44
C ALA B 255 24.15 2.42 -17.78
N ASN B 256 23.86 1.70 -18.90
CA ASN B 256 23.90 2.30 -20.23
C ASN B 256 22.46 2.54 -20.68
N TRP B 257 21.98 3.76 -20.39
CA TRP B 257 20.58 4.11 -20.48
C TRP B 257 20.27 4.13 -21.97
N GLY B 258 19.19 3.42 -22.33
CA GLY B 258 18.73 3.25 -23.75
C GLY B 258 19.32 2.05 -24.46
N SER B 259 20.27 1.34 -23.84
CA SER B 259 20.92 0.20 -24.47
C SER B 259 20.42 -1.18 -24.06
N SER B 260 19.61 -1.24 -23.02
CA SER B 260 19.22 -2.48 -22.35
C SER B 260 20.29 -3.22 -21.58
N HIS B 261 21.44 -2.59 -21.38
CA HIS B 261 22.52 -3.25 -20.70
C HIS B 261 23.18 -2.41 -19.59
N ILE B 262 23.76 -3.11 -18.60
CA ILE B 262 24.73 -2.51 -17.68
C ILE B 262 26.07 -2.99 -18.19
N GLU B 263 26.98 -2.07 -18.47
CA GLU B 263 28.33 -2.46 -18.92
C GLU B 263 29.24 -2.76 -17.76
N VAL B 264 30.15 -3.73 -17.94
CA VAL B 264 31.09 -4.08 -16.88
C VAL B 264 32.48 -3.80 -17.37
N PHE B 265 33.14 -2.78 -16.79
CA PHE B 265 34.57 -2.53 -17.09
C PHE B 265 35.53 -3.12 -16.07
N GLY B 266 36.63 -3.65 -16.59
CA GLY B 266 37.76 -4.00 -15.74
C GLY B 266 38.43 -2.77 -15.17
N PRO B 267 39.29 -2.97 -14.18
CA PRO B 267 40.00 -1.83 -13.62
C PRO B 267 40.82 -1.03 -14.66
N ASP B 268 41.27 -1.67 -15.73
CA ASP B 268 41.98 -0.95 -16.84
C ASP B 268 41.12 -0.08 -17.72
N GLY B 269 39.80 -0.13 -17.60
CA GLY B 269 38.94 0.60 -18.52
C GLY B 269 39.06 0.01 -19.91
N GLY B 270 38.90 0.85 -20.91
CA GLY B 270 38.96 0.37 -22.30
C GLY B 270 37.56 0.01 -22.75
N GLN B 271 37.39 -1.15 -23.37
CA GLN B 271 36.07 -1.67 -23.75
C GLN B 271 35.44 -2.43 -22.57
N PRO B 272 34.11 -2.52 -22.52
CA PRO B 272 33.52 -3.37 -21.47
C PRO B 272 34.05 -4.81 -21.63
N LYS B 273 34.39 -5.47 -20.52
CA LYS B 273 34.75 -6.89 -20.56
C LYS B 273 33.52 -7.81 -20.66
N MET B 274 32.35 -7.30 -20.21
CA MET B 274 31.12 -8.07 -20.18
C MET B 274 29.98 -7.08 -20.22
N ARG B 275 28.80 -7.52 -20.66
CA ARG B 275 27.56 -6.75 -20.56
C ARG B 275 26.54 -7.57 -19.79
N ILE B 276 25.74 -6.90 -18.96
CA ILE B 276 24.61 -7.52 -18.26
C ILE B 276 23.34 -7.05 -18.97
N ARG B 277 22.60 -7.98 -19.59
CA ARG B 277 21.35 -7.66 -20.25
C ARG B 277 20.24 -7.51 -19.24
N CYS B 278 19.54 -6.38 -19.32
CA CYS B 278 18.46 -6.07 -18.42
C CYS B 278 17.12 -6.33 -19.10
N PRO B 279 16.11 -6.67 -18.29
CA PRO B 279 14.78 -6.76 -18.85
C PRO B 279 14.12 -5.40 -19.07
N PHE B 280 14.90 -4.33 -19.28
CA PHE B 280 14.39 -3.01 -19.62
C PHE B 280 15.47 -2.34 -20.44
N GLU B 281 15.08 -1.33 -21.19
CA GLU B 281 15.98 -0.63 -22.08
C GLU B 281 16.69 0.51 -21.37
N LYS B 282 16.11 0.98 -20.25
CA LYS B 282 16.56 2.22 -19.62
C LYS B 282 17.05 2.05 -18.14
N PRO B 283 18.03 1.17 -17.92
CA PRO B 283 18.68 1.20 -16.62
C PRO B 283 19.20 2.60 -16.36
N ALA B 284 19.03 3.09 -15.13
CA ALA B 284 19.45 4.48 -14.82
C ALA B 284 20.49 4.58 -13.74
N ASN B 285 20.28 3.85 -12.67
CA ASN B 285 21.20 4.00 -11.57
C ASN B 285 21.17 2.71 -10.80
N LEU B 286 22.23 2.53 -10.05
CA LEU B 286 22.45 1.33 -9.27
C LEU B 286 23.30 1.49 -8.03
N HIS B 287 23.19 0.49 -7.15
CA HIS B 287 23.83 0.52 -5.84
C HIS B 287 23.81 -0.86 -5.23
N PHE B 288 24.95 -1.31 -4.65
CA PHE B 288 24.94 -2.62 -4.00
C PHE B 288 24.29 -2.54 -2.61
N LYS B 289 23.60 -3.59 -2.21
CA LYS B 289 23.26 -3.77 -0.81
C LYS B 289 24.57 -4.13 -0.10
N PRO B 290 24.91 -3.42 1.00
CA PRO B 290 26.16 -3.56 1.73
C PRO B 290 26.45 -5.01 2.13
N GLN B 291 27.68 -5.44 1.90
CA GLN B 291 28.11 -6.77 2.30
C GLN B 291 27.36 -7.88 1.57
N THR B 292 26.94 -7.65 0.32
CA THR B 292 26.25 -8.65 -0.49
C THR B 292 26.67 -8.55 -1.96
N LYS B 293 26.21 -9.50 -2.77
CA LYS B 293 26.41 -9.48 -4.23
C LYS B 293 25.20 -8.86 -4.95
N THR B 294 24.28 -8.32 -4.16
CA THR B 294 22.99 -7.86 -4.67
C THR B 294 23.11 -6.40 -5.08
N ILE B 295 22.78 -6.16 -6.33
CA ILE B 295 22.69 -4.82 -6.93
C ILE B 295 21.27 -4.43 -7.13
N PHE B 296 20.95 -3.27 -6.55
CA PHE B 296 19.68 -2.62 -6.79
C PHE B 296 19.82 -1.66 -7.95
N VAL B 297 18.84 -1.69 -8.87
CA VAL B 297 18.89 -0.97 -10.14
C VAL B 297 17.61 -0.22 -10.34
N THR B 298 17.70 1.05 -10.63
CA THR B 298 16.51 1.81 -10.99
C THR B 298 16.42 1.90 -12.50
N GLU B 299 15.20 2.10 -13.03
CA GLU B 299 15.06 2.11 -14.49
C GLU B 299 13.84 2.92 -14.89
N HIS B 300 13.86 3.46 -16.09
CA HIS B 300 12.84 4.41 -16.53
C HIS B 300 11.85 3.87 -17.55
N ASP B 301 11.95 2.59 -17.87
CA ASP B 301 10.91 1.98 -18.74
C ASP B 301 9.62 1.96 -17.94
N ASN B 302 9.72 1.51 -16.70
CA ASN B 302 8.57 1.29 -15.84
C ASN B 302 8.57 2.05 -14.53
N ASN B 303 9.54 2.95 -14.36
CA ASN B 303 9.75 3.66 -13.08
C ASN B 303 9.76 2.75 -11.87
N ALA B 304 10.73 1.84 -11.82
CA ALA B 304 10.74 0.78 -10.80
C ALA B 304 12.17 0.52 -10.36
N VAL B 305 12.28 -0.28 -9.32
CA VAL B 305 13.57 -0.69 -8.77
C VAL B 305 13.59 -2.20 -8.85
N TRP B 306 14.69 -2.77 -9.33
CA TRP B 306 14.89 -4.21 -9.33
C TRP B 306 16.14 -4.58 -8.60
N LYS B 307 16.31 -5.85 -8.34
CA LYS B 307 17.60 -6.29 -7.83
C LYS B 307 18.08 -7.48 -8.67
N PHE B 308 19.39 -7.67 -8.70
CA PHE B 308 19.93 -8.90 -9.30
C PHE B 308 21.20 -9.22 -8.58
N GLU B 309 21.65 -10.48 -8.70
CA GLU B 309 22.85 -10.96 -8.02
C GLU B 309 24.00 -10.86 -9.02
N TRP B 310 25.05 -10.15 -8.63
CA TRP B 310 26.28 -10.05 -9.43
C TRP B 310 27.26 -11.16 -8.95
N GLN B 311 28.40 -11.27 -9.62
CA GLN B 311 29.43 -12.29 -9.34
C GLN B 311 30.22 -12.07 -8.07
N ARG B 312 30.34 -10.82 -7.60
CA ARG B 312 31.03 -10.54 -6.36
C ARG B 312 30.40 -9.45 -5.52
N ASN B 313 30.93 -9.31 -4.32
CA ASN B 313 30.43 -8.31 -3.38
C ASN B 313 30.67 -6.93 -3.97
N GLY B 314 29.85 -5.96 -3.56
CA GLY B 314 30.13 -4.56 -3.88
C GLY B 314 31.35 -3.98 -3.19
N LYS B 315 31.91 -2.94 -3.78
CA LYS B 315 32.94 -2.14 -3.14
C LYS B 315 32.29 -1.40 -1.97
N LYS B 316 32.96 -1.30 -0.83
CA LYS B 316 32.45 -0.48 0.27
C LYS B 316 32.32 1.00 -0.20
N GLN B 317 31.17 1.58 0.09
CA GLN B 317 31.01 3.01 0.00
C GLN B 317 31.64 3.66 1.25
N TYR B 318 31.90 4.95 1.16
CA TYR B 318 32.52 5.70 2.23
C TYR B 318 31.79 5.50 3.53
N CYS B 319 30.45 5.55 3.52
CA CYS B 319 29.64 5.36 4.72
C CYS B 319 29.88 4.09 5.53
N GLU B 320 30.35 3.03 4.86
CA GLU B 320 30.73 1.73 5.47
C GLU B 320 32.18 1.66 5.99
N THR B 321 32.96 2.71 5.80
CA THR B 321 34.35 2.67 6.22
C THR B 321 34.45 3.23 7.63
N SER B 322 35.65 3.16 8.22
CA SER B 322 35.89 3.69 9.57
C SER B 322 37.04 4.70 9.58
N LYS B 323 37.06 5.52 10.62
CA LYS B 323 38.07 6.57 10.77
C LYS B 323 39.42 5.98 11.21
#